data_7ORP
#
_entry.id   7ORP
#
_cell.length_a   42.595
_cell.length_b   41.352
_cell.length_c   72.458
_cell.angle_alpha   90.000
_cell.angle_beta   104.412
_cell.angle_gamma   90.000
#
_symmetry.space_group_name_H-M   'P 1 21 1'
#
loop_
_entity.id
_entity.type
_entity.pdbx_description
1 polymer 'Carbonic anhydrase 2'
2 non-polymer 'ZINC ION'
3 non-polymer GLYCEROL
4 non-polymer 4-[(2S)-2-oxidanyl-3-(3,4,5-trimethoxyphenyl)tellanyl-propyl]selanylbenzenesulfonamide
5 non-polymer 4-[(2R)-2-oxidanyl-3-(3,4,5-trimethylphenyl)tellanyl-propyl]selanylbenzenesulfonamide
6 water water
#
_entity_poly.entity_id   1
_entity_poly.type   'polypeptide(L)'
_entity_poly.pdbx_seq_one_letter_code
;MSHHWGYGKHNGPEHWHKDFPIAKGERQSPVDIDTHTAKYDPSLKPLSVSYDQATSLRILNNGHAFNVEFDDSQDKAVLK
GGPLDGTYRLIQFHFHWGSLDGQGSEHTVDKKKYAAELHLVHWNTKYGDFGKAVQQPDGLAVLGIFLKVGSAKPGLQKVV
DVLDSIKTKGKSADFTNFDPRGLLPESLDYWTYPGSLTTPPLLECVTWIVLKEPISVSSEQVLKFRKLNFNGEGEPEELM
VDNWRPAQPLKNRQIKASFK
;
_entity_poly.pdbx_strand_id   AAA
#
# COMPACT_ATOMS: atom_id res chain seq x y z
N HIS A 4 2.69 21.96 3.86
CA HIS A 4 3.23 20.59 3.71
C HIS A 4 2.37 19.86 2.69
N TRP A 5 2.89 18.77 2.14
CA TRP A 5 2.18 18.00 1.09
C TRP A 5 0.96 17.33 1.74
N GLY A 6 -0.04 17.09 0.92
CA GLY A 6 -1.16 16.24 1.35
C GLY A 6 -2.00 15.85 0.16
N TYR A 7 -3.31 15.81 0.37
CA TYR A 7 -4.26 15.35 -0.65
C TYR A 7 -5.35 16.40 -0.88
N GLY A 8 -5.14 17.63 -0.44
CA GLY A 8 -6.14 18.71 -0.64
C GLY A 8 -6.01 19.35 -2.02
N LYS A 9 -6.87 20.35 -2.30
CA LYS A 9 -6.85 21.15 -3.55
C LYS A 9 -5.54 21.91 -3.62
N HIS A 10 -5.04 22.32 -2.45
CA HIS A 10 -3.89 23.24 -2.47
C HIS A 10 -2.55 22.53 -2.29
N ASN A 11 -2.54 21.24 -1.90
CA ASN A 11 -1.26 20.60 -1.57
C ASN A 11 -1.26 19.14 -2.07
N GLY A 12 -2.14 18.81 -2.99
CA GLY A 12 -2.35 17.43 -3.47
C GLY A 12 -1.31 17.04 -4.50
N PRO A 13 -1.54 15.84 -5.11
CA PRO A 13 -0.58 15.27 -6.03
C PRO A 13 -0.10 16.15 -7.18
N GLU A 14 -0.93 17.06 -7.70
CA GLU A 14 -0.47 17.93 -8.82
C GLU A 14 0.49 19.01 -8.34
N HIS A 15 0.67 19.16 -7.04
CA HIS A 15 1.59 20.12 -6.47
C HIS A 15 2.93 19.53 -6.04
N TRP A 16 2.96 18.20 -5.84
CA TRP A 16 4.12 17.54 -5.19
C TRP A 16 5.45 17.79 -5.91
N HIS A 17 5.39 17.91 -7.23
CA HIS A 17 6.62 18.12 -8.02
C HIS A 17 7.40 19.36 -7.60
N LYS A 18 6.73 20.34 -7.01
CA LYS A 18 7.49 21.57 -6.68
C LYS A 18 8.47 21.32 -5.54
N ASP A 19 8.15 20.48 -4.57
CA ASP A 19 9.12 20.14 -3.50
C ASP A 19 9.85 18.84 -3.79
N PHE A 20 9.29 17.97 -4.64
CA PHE A 20 9.82 16.61 -4.92
C PHE A 20 9.88 16.41 -6.42
N PRO A 21 10.87 17.00 -7.14
CA PRO A 21 10.86 16.98 -8.60
C PRO A 21 10.87 15.57 -9.25
N ILE A 22 11.27 14.58 -8.46
CA ILE A 22 11.25 13.16 -8.94
CA ILE A 22 11.25 13.14 -8.90
C ILE A 22 9.78 12.74 -9.18
N ALA A 23 8.81 13.53 -8.75
CA ALA A 23 7.40 13.29 -9.09
C ALA A 23 7.18 13.12 -10.59
N LYS A 24 8.00 13.77 -11.40
CA LYS A 24 7.89 13.68 -12.88
C LYS A 24 8.97 12.74 -13.42
N GLY A 25 9.43 11.76 -12.65
CA GLY A 25 10.54 10.85 -13.02
C GLY A 25 10.10 9.71 -13.92
N GLU A 26 11.07 8.84 -14.16
CA GLU A 26 10.93 7.78 -15.15
C GLU A 26 10.33 6.51 -14.57
N ARG A 27 10.18 6.36 -13.26
CA ARG A 27 9.64 5.09 -12.71
C ARG A 27 8.72 5.45 -11.52
N GLN A 28 7.74 6.30 -11.76
CA GLN A 28 6.80 6.71 -10.72
C GLN A 28 5.62 5.72 -10.63
N SER A 29 5.09 5.66 -9.44
CA SER A 29 3.92 4.83 -9.10
C SER A 29 2.82 5.71 -8.49
N PRO A 30 1.56 5.25 -8.50
CA PRO A 30 1.10 4.03 -9.15
C PRO A 30 0.95 4.16 -10.66
N VAL A 31 0.50 3.11 -11.31
CA VAL A 31 0.25 3.03 -12.76
C VAL A 31 -1.05 2.28 -12.99
N ASP A 32 -1.58 2.48 -14.17
CA ASP A 32 -2.66 1.65 -14.71
C ASP A 32 -2.06 0.34 -15.20
N ILE A 33 -2.63 -0.76 -14.77
CA ILE A 33 -2.26 -2.10 -15.27
C ILE A 33 -3.20 -2.46 -16.41
N ASP A 34 -2.66 -2.35 -17.62
CA ASP A 34 -3.41 -2.78 -18.81
CA ASP A 34 -3.37 -2.79 -18.85
C ASP A 34 -3.25 -4.30 -18.94
N THR A 35 -4.26 -5.04 -18.63
CA THR A 35 -4.19 -6.51 -18.50
C THR A 35 -3.91 -7.23 -19.81
N HIS A 36 -4.24 -6.61 -20.94
CA HIS A 36 -3.94 -7.18 -22.27
C HIS A 36 -2.46 -6.94 -22.62
N THR A 37 -1.80 -5.87 -22.15
CA THR A 37 -0.42 -5.46 -22.51
C THR A 37 0.61 -6.11 -21.55
N ALA A 38 0.21 -6.50 -20.35
CA ALA A 38 1.09 -7.18 -19.37
C ALA A 38 1.49 -8.52 -20.01
N LYS A 39 2.75 -8.88 -19.92
CA LYS A 39 3.14 -10.18 -20.51
C LYS A 39 3.34 -11.19 -19.38
N TYR A 40 2.82 -12.38 -19.61
CA TYR A 40 3.12 -13.52 -18.76
C TYR A 40 4.62 -13.78 -18.84
N ASP A 41 5.29 -13.93 -17.71
CA ASP A 41 6.73 -14.21 -17.61
C ASP A 41 6.87 -15.56 -16.93
N PRO A 42 7.00 -16.68 -17.68
CA PRO A 42 7.01 -18.01 -17.06
C PRO A 42 8.27 -18.20 -16.21
N SER A 43 9.26 -17.30 -16.29
CA SER A 43 10.46 -17.32 -15.43
C SER A 43 10.17 -16.75 -14.02
N LEU A 44 9.05 -16.06 -13.80
CA LEU A 44 8.69 -15.51 -12.45
C LEU A 44 8.32 -16.68 -11.52
N LYS A 45 8.82 -16.64 -10.29
CA LYS A 45 8.51 -17.66 -9.26
C LYS A 45 7.26 -17.30 -8.49
N PRO A 46 6.62 -18.31 -7.85
CA PRO A 46 5.54 -18.06 -6.93
C PRO A 46 6.12 -17.16 -5.84
N LEU A 47 5.26 -16.29 -5.36
CA LEU A 47 5.60 -15.45 -4.23
C LEU A 47 5.71 -16.35 -3.00
N SER A 48 6.64 -16.09 -2.12
CA SER A 48 6.73 -16.72 -0.78
C SER A 48 6.38 -15.63 0.22
N VAL A 49 5.24 -15.73 0.85
CA VAL A 49 4.80 -14.81 1.94
C VAL A 49 4.93 -15.59 3.24
N SER A 50 5.87 -15.28 4.10
CA SER A 50 6.18 -16.01 5.36
C SER A 50 5.91 -15.08 6.52
N TYR A 51 4.66 -15.06 6.98
CA TYR A 51 4.15 -14.14 8.02
C TYR A 51 3.79 -14.89 9.32
N ASP A 52 4.08 -16.19 9.44
CA ASP A 52 3.70 -16.95 10.67
C ASP A 52 4.29 -16.33 11.96
N GLN A 53 5.47 -15.74 11.93
CA GLN A 53 6.11 -15.17 13.15
C GLN A 53 6.04 -13.64 13.20
N ALA A 54 5.16 -13.03 12.41
CA ALA A 54 5.01 -11.55 12.41
C ALA A 54 4.72 -11.05 13.83
N THR A 55 5.37 -9.97 14.20
CA THR A 55 5.19 -9.30 15.48
C THR A 55 4.72 -7.87 15.27
N SER A 56 3.42 -7.66 15.29
CA SER A 56 2.87 -6.28 15.18
C SER A 56 3.13 -5.55 16.48
N LEU A 57 3.29 -4.25 16.46
CA LEU A 57 3.61 -3.49 17.68
C LEU A 57 2.62 -2.38 17.97
N ARG A 58 2.26 -1.61 16.96
CA ARG A 58 1.60 -0.32 17.17
C ARG A 58 0.84 0.08 15.91
N ILE A 59 -0.16 0.89 16.08
CA ILE A 59 -0.89 1.52 14.96
C ILE A 59 -0.83 3.01 15.16
N LEU A 60 -0.52 3.74 14.10
CA LEU A 60 -0.23 5.18 14.13
C LEU A 60 -1.03 5.91 13.05
N ASN A 61 -1.73 6.98 13.41
CA ASN A 61 -2.28 7.92 12.42
C ASN A 61 -1.20 8.95 12.10
N ASN A 62 -0.61 8.92 10.91
CA ASN A 62 0.51 9.81 10.55
C ASN A 62 0.04 11.07 9.84
N GLY A 63 -1.26 11.31 9.75
CA GLY A 63 -1.77 12.49 9.04
C GLY A 63 -2.03 12.25 7.57
N HIS A 64 -1.60 11.11 7.02
CA HIS A 64 -1.80 10.77 5.58
C HIS A 64 -2.51 9.45 5.45
N ALA A 65 -2.38 8.56 6.41
CA ALA A 65 -2.97 7.22 6.45
C ALA A 65 -2.79 6.73 7.89
N PHE A 66 -3.02 5.49 8.12
CA PHE A 66 -2.60 4.86 9.37
C PHE A 66 -1.65 3.72 9.02
N ASN A 67 -0.63 3.55 9.84
CA ASN A 67 0.36 2.45 9.66
C ASN A 67 0.23 1.48 10.80
N VAL A 68 0.16 0.20 10.48
CA VAL A 68 0.35 -0.91 11.45
C VAL A 68 1.81 -1.29 11.35
N GLU A 69 2.57 -1.09 12.42
CA GLU A 69 4.03 -1.27 12.42
C GLU A 69 4.37 -2.63 12.98
N PHE A 70 5.46 -3.18 12.50
CA PHE A 70 5.99 -4.50 12.89
C PHE A 70 7.39 -4.38 13.44
N ASP A 71 7.75 -5.36 14.25
CA ASP A 71 9.16 -5.53 14.67
C ASP A 71 9.93 -6.07 13.47
N ASP A 72 10.81 -5.29 12.88
CA ASP A 72 11.64 -5.70 11.74
C ASP A 72 13.11 -5.75 12.14
N SER A 73 13.39 -6.00 13.42
CA SER A 73 14.80 -6.14 13.93
C SER A 73 15.31 -7.58 13.75
N GLN A 74 14.48 -8.50 13.25
CA GLN A 74 14.86 -9.89 12.87
C GLN A 74 13.98 -10.34 11.70
N ASP A 75 14.34 -11.46 11.07
CA ASP A 75 13.59 -12.07 9.94
C ASP A 75 12.39 -12.82 10.51
N LYS A 76 11.33 -12.11 10.81
CA LYS A 76 10.10 -12.68 11.44
C LYS A 76 8.94 -12.78 10.46
N ALA A 77 8.81 -11.79 9.62
CA ALA A 77 7.76 -11.70 8.58
C ALA A 77 8.46 -11.27 7.32
N VAL A 78 8.60 -12.13 6.34
CA VAL A 78 9.41 -11.82 5.14
C VAL A 78 8.65 -12.21 3.87
N LEU A 79 9.02 -11.50 2.82
CA LEU A 79 8.57 -11.72 1.44
C LEU A 79 9.81 -12.11 0.65
N LYS A 80 9.67 -13.17 -0.11
CA LYS A 80 10.76 -13.70 -0.97
C LYS A 80 10.15 -14.25 -2.25
N GLY A 81 11.01 -14.66 -3.19
CA GLY A 81 10.53 -15.30 -4.41
C GLY A 81 9.81 -14.29 -5.29
N GLY A 82 8.92 -14.74 -6.15
CA GLY A 82 8.40 -13.90 -7.24
C GLY A 82 9.53 -13.23 -8.05
N PRO A 83 9.49 -11.89 -8.27
CA PRO A 83 10.52 -11.20 -9.01
C PRO A 83 11.76 -10.84 -8.17
N LEU A 84 11.73 -11.16 -6.87
CA LEU A 84 12.68 -10.63 -5.89
C LEU A 84 13.93 -11.51 -5.80
N ASP A 85 15.04 -10.86 -5.58
CA ASP A 85 16.32 -11.50 -5.19
C ASP A 85 16.45 -11.28 -3.68
N GLY A 86 16.62 -12.32 -2.91
CA GLY A 86 16.92 -12.16 -1.49
C GLY A 86 15.64 -11.94 -0.69
N THR A 87 15.82 -11.38 0.49
CA THR A 87 14.81 -11.45 1.56
C THR A 87 14.40 -10.04 1.91
N TYR A 88 13.09 -9.82 1.96
CA TYR A 88 12.52 -8.48 2.23
C TYR A 88 11.68 -8.58 3.50
N ARG A 89 11.98 -7.78 4.49
CA ARG A 89 11.33 -7.84 5.80
C ARG A 89 10.15 -6.87 5.88
N LEU A 90 9.03 -7.35 6.41
CA LEU A 90 7.84 -6.52 6.61
C LEU A 90 8.11 -5.48 7.68
N ILE A 91 7.88 -4.21 7.40
CA ILE A 91 8.04 -3.09 8.35
C ILE A 91 6.69 -2.50 8.74
N GLN A 92 5.74 -2.42 7.81
CA GLN A 92 4.44 -1.81 8.13
C GLN A 92 3.46 -2.12 7.01
N PHE A 93 2.19 -2.00 7.30
CA PHE A 93 1.16 -1.91 6.24
C PHE A 93 0.29 -0.71 6.49
N HIS A 94 -0.32 -0.25 5.40
CA HIS A 94 -1.27 0.86 5.43
C HIS A 94 -2.18 0.72 4.23
N PHE A 95 -3.20 1.56 4.19
CA PHE A 95 -4.19 1.58 3.09
C PHE A 95 -4.26 2.99 2.50
N HIS A 96 -4.84 3.02 1.30
CA HIS A 96 -5.32 4.22 0.61
C HIS A 96 -6.79 3.99 0.28
N TRP A 97 -7.66 4.96 0.48
CA TRP A 97 -9.09 4.76 0.23
C TRP A 97 -9.75 6.04 -0.23
N GLY A 98 -11.01 5.87 -0.64
CA GLY A 98 -11.78 6.95 -1.24
C GLY A 98 -12.84 7.52 -0.33
N SER A 99 -13.44 8.60 -0.80
CA SER A 99 -14.66 9.13 -0.17
C SER A 99 -15.92 8.37 -0.58
N LEU A 100 -15.86 7.59 -1.66
CA LEU A 100 -16.96 6.82 -2.26
C LEU A 100 -16.40 5.49 -2.70
N ASP A 101 -17.23 4.47 -2.89
CA ASP A 101 -16.75 3.11 -3.16
C ASP A 101 -16.14 3.04 -4.57
N GLY A 102 -16.47 3.99 -5.47
CA GLY A 102 -15.94 3.95 -6.84
C GLY A 102 -14.54 4.53 -7.03
N GLN A 103 -13.85 4.86 -5.94
CA GLN A 103 -12.48 5.39 -6.04
C GLN A 103 -11.76 5.07 -4.74
N GLY A 104 -10.43 5.17 -4.78
CA GLY A 104 -9.68 4.95 -3.56
C GLY A 104 -8.39 4.23 -3.83
N SER A 105 -8.36 3.28 -4.78
CA SER A 105 -7.10 2.58 -5.09
C SER A 105 -6.15 3.50 -5.81
N GLU A 106 -4.89 3.15 -5.71
CA GLU A 106 -3.79 3.89 -6.39
C GLU A 106 -3.54 3.24 -7.74
N HIS A 107 -3.20 1.97 -7.77
CA HIS A 107 -3.17 1.22 -9.04
C HIS A 107 -4.60 1.11 -9.51
N THR A 108 -4.68 0.97 -10.83
CA THR A 108 -5.96 0.68 -11.50
C THR A 108 -5.76 -0.50 -12.43
N VAL A 109 -6.84 -1.14 -12.81
CA VAL A 109 -6.75 -2.36 -13.65
C VAL A 109 -7.64 -2.13 -14.84
N ASP A 110 -7.06 -1.90 -16.01
CA ASP A 110 -7.87 -1.50 -17.19
C ASP A 110 -8.75 -0.30 -16.84
N LYS A 111 -8.16 0.64 -16.14
CA LYS A 111 -8.69 1.96 -15.68
C LYS A 111 -9.73 1.76 -14.59
N LYS A 112 -10.02 0.56 -14.11
CA LYS A 112 -10.95 0.32 -12.99
C LYS A 112 -10.26 0.74 -11.69
N LYS A 113 -10.93 1.58 -10.96
CA LYS A 113 -10.55 1.96 -9.58
CA LYS A 113 -10.57 1.98 -9.56
C LYS A 113 -11.28 1.09 -8.57
N TYR A 114 -10.55 0.57 -7.59
CA TYR A 114 -11.15 -0.15 -6.46
C TYR A 114 -11.41 0.82 -5.32
N ALA A 115 -12.17 0.38 -4.32
CA ALA A 115 -12.56 1.21 -3.18
C ALA A 115 -11.38 1.55 -2.29
N ALA A 116 -10.37 0.71 -2.32
CA ALA A 116 -9.19 0.93 -1.45
C ALA A 116 -8.06 0.03 -1.93
N GLU A 117 -6.87 0.25 -1.37
CA GLU A 117 -5.66 -0.55 -1.70
C GLU A 117 -4.83 -0.67 -0.43
N LEU A 118 -4.49 -1.90 -0.10
CA LEU A 118 -3.58 -2.28 0.99
C LEU A 118 -2.16 -2.36 0.43
N HIS A 119 -1.23 -1.76 1.17
CA HIS A 119 0.21 -1.79 0.87
C HIS A 119 0.93 -2.40 2.05
N LEU A 120 1.52 -3.60 1.85
CA LEU A 120 2.42 -4.26 2.81
C LEU A 120 3.85 -3.96 2.38
N VAL A 121 4.54 -3.19 3.21
CA VAL A 121 5.83 -2.57 2.84
C VAL A 121 6.95 -3.40 3.42
N HIS A 122 7.90 -3.77 2.56
CA HIS A 122 9.04 -4.62 2.95
C HIS A 122 10.34 -4.02 2.46
N TRP A 123 11.40 -4.21 3.22
CA TRP A 123 12.73 -3.69 2.80
C TRP A 123 13.74 -4.81 2.66
N ASN A 124 14.66 -4.62 1.71
CA ASN A 124 15.68 -5.64 1.36
C ASN A 124 16.74 -5.72 2.45
N THR A 125 16.88 -6.89 3.09
CA THR A 125 17.78 -7.01 4.28
C THR A 125 19.26 -6.81 3.87
N LYS A 126 19.58 -6.85 2.52
CA LYS A 126 21.02 -6.65 2.21
C LYS A 126 21.41 -5.20 2.46
N TYR A 127 20.48 -4.26 2.66
CA TYR A 127 20.81 -2.86 2.95
C TYR A 127 20.74 -2.50 4.42
N GLY A 128 20.34 -3.41 5.29
CA GLY A 128 20.56 -3.27 6.74
C GLY A 128 19.48 -2.53 7.47
N ASP A 129 18.92 -1.44 6.90
CA ASP A 129 17.81 -0.71 7.53
C ASP A 129 16.95 -0.11 6.42
N PHE A 130 15.76 0.30 6.78
CA PHE A 130 14.76 0.85 5.84
C PHE A 130 15.29 2.12 5.22
N GLY A 131 15.91 3.02 6.00
CA GLY A 131 16.41 4.28 5.48
C GLY A 131 17.51 4.12 4.44
N LYS A 132 18.34 3.10 4.56
CA LYS A 132 19.34 2.78 3.52
C LYS A 132 18.64 2.18 2.30
N ALA A 133 17.69 1.30 2.56
CA ALA A 133 17.01 0.57 1.46
C ALA A 133 16.30 1.55 0.56
N VAL A 134 15.69 2.61 1.05
CA VAL A 134 14.93 3.53 0.15
C VAL A 134 15.85 4.33 -0.76
N GLN A 135 17.17 4.26 -0.56
CA GLN A 135 18.14 4.95 -1.45
C GLN A 135 18.59 4.02 -2.57
N GLN A 136 18.03 2.82 -2.72
CA GLN A 136 18.50 1.80 -3.66
C GLN A 136 17.36 1.42 -4.61
N PRO A 137 17.67 1.14 -5.89
CA PRO A 137 16.62 0.82 -6.85
C PRO A 137 15.88 -0.49 -6.57
N ASP A 138 16.48 -1.38 -5.81
CA ASP A 138 15.84 -2.64 -5.36
C ASP A 138 15.70 -2.66 -3.83
N GLY A 139 15.45 -1.53 -3.22
CA GLY A 139 15.43 -1.44 -1.76
C GLY A 139 14.16 -1.97 -1.12
N LEU A 140 13.04 -1.74 -1.78
CA LEU A 140 11.74 -2.07 -1.20
C LEU A 140 10.95 -3.00 -2.09
N ALA A 141 10.08 -3.77 -1.46
CA ALA A 141 9.06 -4.53 -2.16
C ALA A 141 7.76 -4.19 -1.49
N VAL A 142 6.78 -3.74 -2.26
CA VAL A 142 5.45 -3.43 -1.72
C VAL A 142 4.46 -4.36 -2.38
N LEU A 143 3.76 -5.09 -1.53
CA LEU A 143 2.70 -6.01 -1.90
C LEU A 143 1.41 -5.22 -1.85
N GLY A 144 0.78 -5.04 -3.00
CA GLY A 144 -0.46 -4.28 -3.12
C GLY A 144 -1.65 -5.20 -3.32
N ILE A 145 -2.71 -4.94 -2.57
CA ILE A 145 -3.91 -5.78 -2.59
C ILE A 145 -5.10 -4.87 -2.72
N PHE A 146 -5.92 -5.05 -3.73
CA PHE A 146 -7.14 -4.24 -3.89
C PHE A 146 -8.21 -4.66 -2.91
N LEU A 147 -9.02 -3.69 -2.51
CA LEU A 147 -10.24 -3.92 -1.70
C LEU A 147 -11.47 -3.51 -2.52
N LYS A 148 -12.44 -4.42 -2.53
CA LYS A 148 -13.77 -4.13 -3.06
C LYS A 148 -14.78 -4.24 -1.93
N VAL A 149 -15.87 -3.50 -2.06
CA VAL A 149 -16.95 -3.51 -1.05
C VAL A 149 -17.96 -4.64 -1.33
N GLY A 150 -18.14 -5.52 -0.37
CA GLY A 150 -19.10 -6.63 -0.43
C GLY A 150 -19.22 -7.24 0.95
N SER A 151 -18.80 -8.47 1.06
CA SER A 151 -18.80 -9.19 2.36
CA SER A 151 -18.81 -9.20 2.36
C SER A 151 -17.69 -8.63 3.24
N ALA A 152 -17.86 -8.66 4.53
CA ALA A 152 -16.84 -8.25 5.49
C ALA A 152 -15.61 -9.13 5.39
N LYS A 153 -14.46 -8.55 5.69
CA LYS A 153 -13.19 -9.26 5.85
C LYS A 153 -12.96 -9.49 7.33
N PRO A 154 -13.11 -10.72 7.85
CA PRO A 154 -13.01 -10.90 9.31
C PRO A 154 -11.65 -10.50 9.89
N GLY A 155 -10.59 -10.75 9.14
CA GLY A 155 -9.22 -10.46 9.57
C GLY A 155 -8.91 -8.98 9.57
N LEU A 156 -9.78 -8.14 9.04
CA LEU A 156 -9.63 -6.68 9.08
C LEU A 156 -10.27 -6.09 10.33
N GLN A 157 -11.19 -6.78 11.02
CA GLN A 157 -12.07 -6.09 11.98
C GLN A 157 -11.23 -5.58 13.17
N LYS A 158 -10.17 -6.30 13.58
CA LYS A 158 -9.37 -5.81 14.71
C LYS A 158 -8.74 -4.44 14.38
N VAL A 159 -8.42 -4.21 13.13
CA VAL A 159 -7.92 -2.88 12.67
C VAL A 159 -9.06 -1.87 12.75
N VAL A 160 -10.20 -2.19 12.18
CA VAL A 160 -11.39 -1.28 12.16
C VAL A 160 -11.74 -0.86 13.58
N ASP A 161 -11.68 -1.79 14.53
CA ASP A 161 -12.21 -1.48 15.88
C ASP A 161 -11.26 -0.59 16.67
N VAL A 162 -9.98 -0.45 16.30
CA VAL A 162 -9.01 0.41 17.03
C VAL A 162 -9.00 1.83 16.44
N LEU A 163 -9.61 2.08 15.30
CA LEU A 163 -9.48 3.38 14.60
C LEU A 163 -10.04 4.57 15.39
N ASP A 164 -11.06 4.30 16.20
CA ASP A 164 -11.62 5.34 17.09
C ASP A 164 -10.54 5.84 18.04
N SER A 165 -9.57 5.04 18.41
CA SER A 165 -8.52 5.44 19.37
C SER A 165 -7.38 6.20 18.69
N ILE A 166 -7.32 6.28 17.35
CA ILE A 166 -6.27 7.04 16.64
C ILE A 166 -6.90 7.97 15.61
N LYS A 167 -7.95 8.66 16.03
CA LYS A 167 -8.74 9.41 15.05
C LYS A 167 -7.91 10.48 14.37
N THR A 168 -7.04 11.13 15.12
CA THR A 168 -6.33 12.32 14.65
C THR A 168 -4.82 12.13 14.51
N LYS A 169 -4.23 12.97 13.68
CA LYS A 169 -2.80 12.97 13.33
C LYS A 169 -1.95 12.89 14.59
N GLY A 170 -1.01 11.96 14.64
CA GLY A 170 -0.03 11.87 15.74
C GLY A 170 -0.48 10.91 16.80
N LYS A 171 -1.71 10.45 16.81
CA LYS A 171 -2.18 9.46 17.78
C LYS A 171 -1.71 8.06 17.41
N SER A 172 -1.34 7.30 18.40
CA SER A 172 -0.96 5.89 18.24
C SER A 172 -1.56 5.05 19.34
N ALA A 173 -1.63 3.77 19.08
CA ALA A 173 -2.16 2.82 20.06
C ALA A 173 -1.40 1.51 19.98
N ASP A 174 -1.24 0.83 21.11
CA ASP A 174 -0.64 -0.51 21.13
C ASP A 174 -1.44 -1.38 20.16
N PHE A 175 -0.79 -2.25 19.38
CA PHE A 175 -1.48 -3.11 18.41
C PHE A 175 -0.67 -4.36 18.24
N THR A 176 -0.62 -5.15 19.30
CA THR A 176 0.11 -6.43 19.33
C THR A 176 -0.76 -7.59 18.84
N ASN A 177 -0.08 -8.63 18.42
CA ASN A 177 -0.67 -9.94 18.06
C ASN A 177 -1.63 -9.84 16.89
N PHE A 178 -1.41 -8.92 15.97
CA PHE A 178 -2.23 -8.85 14.74
C PHE A 178 -1.55 -9.71 13.70
N ASP A 179 -2.34 -10.54 13.01
CA ASP A 179 -1.84 -11.51 12.02
C ASP A 179 -2.15 -11.01 10.63
N PRO A 180 -1.16 -10.51 9.89
CA PRO A 180 -1.44 -9.95 8.56
C PRO A 180 -1.86 -11.00 7.51
N ARG A 181 -1.70 -12.28 7.83
CA ARG A 181 -2.19 -13.34 6.89
C ARG A 181 -3.69 -13.19 6.73
N GLY A 182 -4.42 -12.60 7.69
CA GLY A 182 -5.88 -12.46 7.56
C GLY A 182 -6.28 -11.40 6.55
N LEU A 183 -5.34 -10.69 5.94
CA LEU A 183 -5.64 -9.64 4.93
C LEU A 183 -5.41 -10.15 3.51
N LEU A 184 -4.92 -11.36 3.32
CA LEU A 184 -4.54 -11.86 1.98
C LEU A 184 -5.76 -12.46 1.30
N PRO A 185 -5.83 -12.41 -0.05
CA PRO A 185 -6.80 -13.20 -0.81
C PRO A 185 -6.34 -14.66 -0.88
N GLU A 186 -7.14 -15.50 -1.54
CA GLU A 186 -6.82 -16.92 -1.68
C GLU A 186 -5.63 -17.09 -2.62
N SER A 187 -5.67 -16.43 -3.79
CA SER A 187 -4.65 -16.57 -4.85
C SER A 187 -3.55 -15.56 -4.66
N LEU A 188 -2.31 -15.96 -4.91
CA LEU A 188 -1.15 -15.03 -4.91
C LEU A 188 -0.69 -14.72 -6.35
N ASP A 189 -1.53 -14.90 -7.36
CA ASP A 189 -1.24 -14.45 -8.74
C ASP A 189 -1.02 -12.94 -8.69
N TYR A 190 -0.05 -12.44 -9.46
CA TYR A 190 0.34 -11.01 -9.35
C TYR A 190 0.83 -10.45 -10.68
N TRP A 191 0.84 -9.12 -10.74
CA TRP A 191 1.57 -8.31 -11.71
C TRP A 191 2.75 -7.69 -11.01
N THR A 192 3.82 -7.39 -11.73
CA THR A 192 4.99 -6.74 -11.11
C THR A 192 5.65 -5.76 -12.05
N TYR A 193 6.15 -4.66 -11.52
CA TYR A 193 6.88 -3.65 -12.30
C TYR A 193 7.72 -2.82 -11.35
N PRO A 194 8.77 -2.16 -11.88
CA PRO A 194 9.61 -1.28 -11.07
C PRO A 194 8.98 0.12 -10.93
N GLY A 195 8.91 0.59 -9.71
CA GLY A 195 8.26 1.87 -9.46
C GLY A 195 8.83 2.59 -8.27
N SER A 196 7.94 3.31 -7.63
CA SER A 196 8.29 4.31 -6.60
C SER A 196 7.41 4.21 -5.36
N LEU A 197 7.80 4.97 -4.32
CA LEU A 197 6.84 5.31 -3.27
C LEU A 197 5.73 6.13 -3.90
N THR A 198 4.52 6.01 -3.44
CA THR A 198 3.38 6.77 -4.00
C THR A 198 3.13 8.04 -3.20
N THR A 199 3.90 8.33 -2.17
CA THR A 199 3.81 9.60 -1.42
C THR A 199 5.21 10.18 -1.45
N PRO A 200 5.31 11.51 -1.25
CA PRO A 200 6.61 12.10 -1.00
C PRO A 200 7.35 11.31 0.08
N PRO A 201 8.64 11.04 -0.05
CA PRO A 201 9.51 11.64 -1.08
C PRO A 201 9.55 11.01 -2.48
N LEU A 202 8.68 10.06 -2.75
CA LEU A 202 8.45 9.54 -4.15
C LEU A 202 9.70 8.82 -4.69
N LEU A 203 10.46 8.25 -3.80
CA LEU A 203 11.77 7.65 -4.18
C LEU A 203 11.54 6.45 -5.06
N GLU A 204 12.41 6.25 -6.03
CA GLU A 204 12.28 5.21 -7.07
C GLU A 204 13.00 3.96 -6.62
N CYS A 205 12.47 3.31 -5.61
CA CYS A 205 13.16 2.25 -4.84
C CYS A 205 12.29 0.99 -4.69
N VAL A 206 11.18 0.92 -5.41
CA VAL A 206 10.15 -0.12 -5.13
C VAL A 206 10.03 -1.13 -6.27
N THR A 207 10.08 -2.41 -5.94
CA THR A 207 9.53 -3.47 -6.77
C THR A 207 8.08 -3.63 -6.35
N TRP A 208 7.17 -3.29 -7.22
CA TRP A 208 5.74 -3.43 -6.95
C TRP A 208 5.30 -4.83 -7.29
N ILE A 209 4.51 -5.42 -6.42
CA ILE A 209 3.89 -6.75 -6.61
C ILE A 209 2.41 -6.52 -6.32
N VAL A 210 1.55 -6.54 -7.32
CA VAL A 210 0.11 -6.21 -7.17
C VAL A 210 -0.69 -7.47 -7.42
N LEU A 211 -1.41 -7.91 -6.41
CA LEU A 211 -2.18 -9.18 -6.51
C LEU A 211 -3.38 -8.96 -7.41
N LYS A 212 -3.66 -9.94 -8.24
CA LYS A 212 -4.82 -9.87 -9.15
C LYS A 212 -6.13 -9.99 -8.38
N GLU A 213 -6.19 -10.83 -7.35
CA GLU A 213 -7.48 -11.11 -6.66
C GLU A 213 -7.69 -10.05 -5.59
N PRO A 214 -8.78 -9.28 -5.63
CA PRO A 214 -9.06 -8.34 -4.55
C PRO A 214 -9.57 -9.09 -3.33
N ILE A 215 -9.49 -8.43 -2.18
CA ILE A 215 -10.20 -8.89 -0.97
C ILE A 215 -11.50 -8.11 -0.86
N SER A 216 -12.50 -8.73 -0.25
CA SER A 216 -13.80 -8.10 0.01
C SER A 216 -13.84 -7.56 1.42
N VAL A 217 -14.28 -6.32 1.58
CA VAL A 217 -14.54 -5.72 2.89
C VAL A 217 -15.96 -5.20 2.90
N SER A 218 -16.55 -5.02 4.07
CA SER A 218 -17.95 -4.53 4.10
C SER A 218 -18.02 -3.03 4.01
N SER A 219 -19.19 -2.52 3.63
CA SER A 219 -19.43 -1.08 3.61
CA SER A 219 -19.45 -1.08 3.60
C SER A 219 -19.18 -0.53 5.01
N GLU A 220 -19.57 -1.25 6.06
CA GLU A 220 -19.37 -0.73 7.43
C GLU A 220 -17.87 -0.61 7.73
N GLN A 221 -17.06 -1.57 7.26
CA GLN A 221 -15.61 -1.50 7.51
C GLN A 221 -15.00 -0.28 6.84
N VAL A 222 -15.32 -0.03 5.59
CA VAL A 222 -14.67 1.13 4.93
CA VAL A 222 -14.73 1.14 4.88
C VAL A 222 -15.29 2.43 5.48
N LEU A 223 -16.56 2.44 5.89
CA LEU A 223 -17.12 3.68 6.50
C LEU A 223 -16.27 4.06 7.70
N LYS A 224 -15.76 3.09 8.46
CA LYS A 224 -14.94 3.39 9.65
C LYS A 224 -13.61 3.98 9.21
N PHE A 225 -13.02 3.55 8.12
CA PHE A 225 -11.81 4.21 7.62
C PHE A 225 -12.07 5.70 7.36
N ARG A 226 -13.26 6.00 6.80
CA ARG A 226 -13.56 7.38 6.38
C ARG A 226 -13.94 8.27 7.57
N LYS A 227 -13.95 7.74 8.78
CA LYS A 227 -14.18 8.58 9.99
C LYS A 227 -12.87 9.06 10.57
N LEU A 228 -11.73 8.55 10.10
CA LEU A 228 -10.44 9.09 10.54
C LEU A 228 -10.30 10.55 10.12
N ASN A 229 -9.29 11.22 10.68
CA ASN A 229 -9.05 12.65 10.40
C ASN A 229 -7.62 12.86 9.90
N PHE A 230 -7.44 13.74 8.94
CA PHE A 230 -6.10 14.23 8.55
C PHE A 230 -5.51 15.15 9.63
N ASN A 231 -6.39 15.91 10.27
CA ASN A 231 -6.01 16.94 11.25
C ASN A 231 -5.55 16.31 12.55
N GLY A 232 -4.86 17.15 13.32
CA GLY A 232 -4.55 16.88 14.73
C GLY A 232 -5.74 17.14 15.63
N GLU A 233 -5.71 16.61 16.84
CA GLU A 233 -6.70 16.88 17.91
C GLU A 233 -6.86 18.39 18.13
N GLY A 234 -8.13 18.78 18.31
CA GLY A 234 -8.51 20.18 18.57
C GLY A 234 -8.29 21.08 17.37
N GLU A 235 -8.14 20.53 16.15
CA GLU A 235 -8.13 21.28 14.88
C GLU A 235 -9.43 21.01 14.16
N PRO A 236 -9.85 21.90 13.24
CA PRO A 236 -11.08 21.69 12.50
C PRO A 236 -11.03 20.35 11.75
N GLU A 237 -12.13 19.65 11.76
CA GLU A 237 -12.15 18.26 11.26
C GLU A 237 -11.98 18.30 9.75
N GLU A 238 -11.04 17.50 9.25
CA GLU A 238 -10.90 17.21 7.82
C GLU A 238 -10.85 15.70 7.69
N LEU A 239 -11.90 15.11 7.13
CA LEU A 239 -11.97 13.64 7.07
C LEU A 239 -10.82 13.09 6.21
N MET A 240 -10.24 12.00 6.70
CA MET A 240 -9.20 11.23 5.97
C MET A 240 -9.88 10.34 4.93
N VAL A 241 -9.99 10.94 3.75
CA VAL A 241 -10.57 10.28 2.57
C VAL A 241 -9.78 10.76 1.38
N ASP A 242 -9.79 9.92 0.33
CA ASP A 242 -9.13 10.23 -0.95
C ASP A 242 -7.65 10.51 -0.73
N ASN A 243 -7.01 9.63 0.01
CA ASN A 243 -5.54 9.71 0.25
C ASN A 243 -4.81 8.81 -0.74
N TRP A 244 -5.13 8.95 -2.01
CA TRP A 244 -4.57 8.15 -3.11
C TRP A 244 -3.99 9.09 -4.16
N ARG A 245 -2.86 8.69 -4.72
CA ARG A 245 -2.21 9.34 -5.88
C ARG A 245 -2.80 8.71 -7.14
N PRO A 246 -3.16 9.48 -8.18
CA PRO A 246 -3.62 8.85 -9.41
C PRO A 246 -2.46 8.19 -10.17
N ALA A 247 -2.86 7.43 -11.18
CA ALA A 247 -1.96 6.69 -12.08
C ALA A 247 -1.03 7.67 -12.81
N GLN A 248 0.23 7.25 -12.85
CA GLN A 248 1.35 8.00 -13.43
C GLN A 248 1.76 7.39 -14.76
N PRO A 249 2.49 8.13 -15.64
CA PRO A 249 2.87 7.50 -16.89
C PRO A 249 3.81 6.30 -16.75
N LEU A 250 3.52 5.29 -17.56
CA LEU A 250 4.31 4.02 -17.52
C LEU A 250 5.71 4.24 -18.07
N LYS A 251 5.85 5.10 -19.07
CA LYS A 251 7.17 5.42 -19.69
C LYS A 251 7.81 4.13 -20.19
N ASN A 252 9.08 3.94 -19.92
CA ASN A 252 9.84 2.84 -20.53
C ASN A 252 9.80 1.66 -19.57
N ARG A 253 8.58 1.17 -19.25
CA ARG A 253 8.45 0.04 -18.32
C ARG A 253 7.49 -0.99 -18.86
N GLN A 254 7.74 -2.23 -18.46
CA GLN A 254 6.93 -3.39 -18.81
C GLN A 254 6.37 -3.98 -17.51
N ILE A 255 5.08 -4.17 -17.51
CA ILE A 255 4.38 -4.89 -16.40
C ILE A 255 4.38 -6.38 -16.75
N LYS A 256 4.85 -7.21 -15.85
CA LYS A 256 4.90 -8.68 -16.06
C LYS A 256 3.82 -9.32 -15.24
N ALA A 257 3.21 -10.38 -15.72
CA ALA A 257 2.20 -11.19 -15.04
C ALA A 257 2.79 -12.51 -14.62
N SER A 258 2.41 -12.99 -13.45
CA SER A 258 2.87 -14.31 -12.96
C SER A 258 2.00 -15.43 -13.52
N PHE A 259 0.94 -15.10 -14.22
CA PHE A 259 -0.12 -16.06 -14.58
C PHE A 259 -0.50 -15.86 -16.03
N LYS A 260 -1.13 -16.88 -16.63
CA LYS A 260 -1.44 -16.90 -18.09
C LYS A 260 -2.78 -16.19 -18.32
#